data_2Y98
#
_entry.id   2Y98
#
_cell.length_a   56.285
_cell.length_b   162.025
_cell.length_c   50.394
_cell.angle_alpha   90.00
_cell.angle_beta   90.00
_cell.angle_gamma   90.00
#
_symmetry.space_group_name_H-M   'P 21 21 2'
#
loop_
_entity.id
_entity.type
_entity.pdbx_description
1 polymer 'P-450-LIKE PROTEIN'
2 non-polymer 'PROTOPORPHYRIN IX CONTAINING FE'
3 non-polymer 'MYCINAMICIN IV'
4 non-polymer 'CHLORIDE ION'
5 non-polymer 'SULFATE ION'
6 non-polymer GLYCEROL
7 water water
#
_entity_poly.entity_id   1
_entity_poly.type   'polypeptide(L)'
_entity_poly.pdbx_seq_one_letter_code
;MGSSHHHHHHSSGLVPRGSHMTSAEPRAYPFNDVHGLTLAGRYGELQETEPVSRVRPPYGEEAWLVTRYEDVRAVLGDGR
FVRGPSMTRDEPRTRPEMVKGGLLSMDPPEHSRLRRLVVKAFTARRAESLRPRAREIAHELVDQMAATGQPADLVAMFAR
QLPVRVICELLGVPSADHDRFTRWSGAFLSTAEVTAEEMQEAAEQAYAYMGDLIDRRRKEPTDDLVSALVQARDQQDSLS
EQELLDLAIGLLVAGYESTTTQIADFVYLLMTRPELRRQLLDRPELIPSAVEELTRWVPLGVGTAFPRYAVEDVTLRGVT
IRAGEPVLASTGAANRDQAQFPDADRIDVDRTPNQHLGFGHGVHHCLGAPLARVELQVALEVLLQRLPGIRLGIPETQLR
WSEGMLLRGPLELPVVW
;
_entity_poly.pdbx_strand_id   A
#
loop_
_chem_comp.id
_chem_comp.type
_chem_comp.name
_chem_comp.formula
CL non-polymer 'CHLORIDE ION' 'Cl -1'
GOL non-polymer GLYCEROL 'C3 H8 O3'
HEM non-polymer 'PROTOPORPHYRIN IX CONTAINING FE' 'C34 H32 Fe N4 O4'
MIV non-polymer 'MYCINAMICIN IV' 'C37 H61 N O11'
SO4 non-polymer 'SULFATE ION' 'O4 S -2'
#
# COMPACT_ATOMS: atom_id res chain seq x y z
N GLU A 25 -21.32 -24.67 -2.37
CA GLU A 25 -21.46 -23.67 -3.49
C GLU A 25 -20.42 -22.45 -3.53
N PRO A 26 -20.20 -21.64 -2.43
CA PRO A 26 -19.20 -20.51 -2.65
C PRO A 26 -17.83 -21.06 -3.04
N ARG A 27 -17.05 -20.34 -3.82
CA ARG A 27 -15.67 -20.85 -4.22
C ARG A 27 -14.67 -20.55 -3.12
N ALA A 28 -13.73 -21.47 -2.89
CA ALA A 28 -12.60 -21.24 -2.01
C ALA A 28 -11.81 -19.98 -2.48
N TYR A 29 -11.46 -19.05 -1.56
CA TYR A 29 -10.86 -17.81 -1.97
C TYR A 29 -9.77 -17.58 -0.89
N PRO A 30 -8.60 -17.00 -1.22
CA PRO A 30 -8.16 -16.33 -2.47
C PRO A 30 -7.94 -17.32 -3.62
N PHE A 31 -7.91 -16.76 -4.82
CA PHE A 31 -7.58 -17.51 -6.03
C PHE A 31 -6.13 -17.34 -6.38
N ASN A 32 -5.56 -16.17 -6.09
CA ASN A 32 -4.17 -15.86 -6.49
C ASN A 32 -3.24 -16.80 -5.73
N ASP A 33 -2.21 -17.26 -6.42
CA ASP A 33 -1.11 -18.03 -5.79
C ASP A 33 -0.12 -16.97 -5.27
N VAL A 34 0.26 -17.06 -4.00
CA VAL A 34 1.21 -16.06 -3.40
C VAL A 34 2.58 -16.19 -3.95
N HIS A 35 2.89 -17.32 -4.60
CA HIS A 35 4.32 -17.55 -5.07
C HIS A 35 4.56 -16.96 -6.46
N GLY A 36 4.33 -15.64 -6.57
CA GLY A 36 4.51 -14.94 -7.81
C GLY A 36 3.40 -13.87 -7.93
N LEU A 37 3.36 -13.18 -9.07
CA LEU A 37 2.47 -12.04 -9.21
C LEU A 37 1.37 -12.39 -10.26
N THR A 38 1.29 -13.63 -10.67
CA THR A 38 0.19 -13.97 -11.69
C THR A 38 -1.21 -13.60 -11.18
N LEU A 39 -2.07 -13.05 -12.09
CA LEU A 39 -3.44 -12.92 -11.73
C LEU A 39 -4.18 -14.24 -12.02
N ALA A 40 -4.93 -14.74 -11.04
CA ALA A 40 -5.59 -16.07 -11.14
C ALA A 40 -6.55 -15.94 -12.36
N GLY A 41 -6.52 -16.94 -13.24
CA GLY A 41 -7.50 -17.04 -14.41
C GLY A 41 -8.96 -17.03 -13.94
N ARG A 42 -9.27 -17.52 -12.74
CA ARG A 42 -10.67 -17.41 -12.23
C ARG A 42 -11.27 -16.03 -12.25
N TYR A 43 -10.49 -14.98 -11.96
CA TYR A 43 -11.05 -13.64 -11.98
C TYR A 43 -11.62 -13.28 -13.35
N GLY A 44 -10.88 -13.55 -14.41
CA GLY A 44 -11.34 -13.21 -15.80
C GLY A 44 -12.60 -14.05 -16.14
N GLU A 45 -12.59 -15.31 -15.76
CA GLU A 45 -13.78 -16.18 -15.96
C GLU A 45 -15.03 -15.64 -15.27
N LEU A 46 -14.86 -15.22 -14.02
CA LEU A 46 -15.95 -14.65 -13.26
C LEU A 46 -16.38 -13.31 -13.85
N GLN A 47 -15.43 -12.46 -14.31
CA GLN A 47 -15.86 -11.21 -14.96
C GLN A 47 -16.82 -11.48 -16.14
N GLU A 48 -16.57 -12.55 -16.87
CA GLU A 48 -17.50 -12.91 -17.97
C GLU A 48 -18.82 -13.50 -17.47
N THR A 49 -18.77 -14.44 -16.55
CA THR A 49 -19.93 -15.32 -16.37
C THR A 49 -20.60 -15.18 -15.05
N GLU A 50 -19.85 -14.69 -14.04
CA GLU A 50 -20.45 -14.51 -12.71
C GLU A 50 -19.78 -13.33 -12.01
N PRO A 51 -20.05 -12.12 -12.49
CA PRO A 51 -19.27 -10.96 -12.06
C PRO A 51 -19.49 -10.61 -10.58
N VAL A 52 -20.57 -11.11 -9.99
CA VAL A 52 -20.87 -10.97 -8.56
C VAL A 52 -21.14 -12.40 -8.05
N SER A 53 -20.18 -12.93 -7.27
CA SER A 53 -20.17 -14.35 -6.94
C SER A 53 -19.91 -14.53 -5.42
N ARG A 54 -20.07 -15.74 -4.91
CA ARG A 54 -19.90 -16.08 -3.49
C ARG A 54 -18.54 -16.73 -3.26
N VAL A 55 -17.85 -16.35 -2.20
CA VAL A 55 -16.53 -16.91 -1.88
C VAL A 55 -16.48 -17.28 -0.42
N ARG A 56 -15.67 -18.31 -0.09
CA ARG A 56 -15.45 -18.68 1.31
C ARG A 56 -13.96 -18.38 1.58
N PRO A 57 -13.65 -17.32 2.35
CA PRO A 57 -12.27 -17.04 2.66
C PRO A 57 -11.69 -18.00 3.74
N PRO A 58 -10.35 -17.97 3.94
CA PRO A 58 -9.74 -18.85 4.92
C PRO A 58 -10.26 -18.59 6.32
N TYR A 59 -10.56 -17.33 6.63
CA TYR A 59 -11.07 -16.95 7.98
C TYR A 59 -12.17 -15.96 7.77
N GLY A 60 -13.14 -15.90 8.69
CA GLY A 60 -14.24 -14.90 8.61
C GLY A 60 -15.41 -15.42 7.74
N GLU A 61 -16.42 -14.54 7.59
CA GLU A 61 -17.66 -14.86 6.92
C GLU A 61 -17.48 -15.08 5.44
N GLU A 62 -18.33 -15.93 4.88
CA GLU A 62 -18.50 -15.96 3.44
C GLU A 62 -18.91 -14.59 2.91
N ALA A 63 -18.62 -14.31 1.63
CA ALA A 63 -18.74 -12.93 1.17
C ALA A 63 -19.04 -12.89 -0.29
N TRP A 64 -19.46 -11.71 -0.77
CA TRP A 64 -19.65 -11.52 -2.21
C TRP A 64 -18.33 -11.10 -2.78
N LEU A 65 -17.98 -11.56 -3.96
CA LEU A 65 -16.76 -11.07 -4.62
C LEU A 65 -17.19 -10.35 -5.91
N VAL A 66 -16.71 -9.11 -6.08
CA VAL A 66 -16.98 -8.26 -7.23
C VAL A 66 -15.71 -8.08 -8.08
N THR A 67 -15.81 -8.32 -9.40
CA THR A 67 -14.60 -8.44 -10.21
C THR A 67 -14.46 -7.49 -11.38
N ARG A 68 -15.58 -7.00 -11.95
CA ARG A 68 -15.51 -6.09 -13.10
C ARG A 68 -15.06 -4.71 -12.66
N TYR A 69 -14.24 -4.05 -13.47
CA TYR A 69 -13.85 -2.66 -13.20
C TYR A 69 -15.05 -1.76 -12.83
N GLU A 70 -16.07 -1.74 -13.70
CA GLU A 70 -17.24 -0.91 -13.41
C GLU A 70 -17.79 -1.20 -12.04
N ASP A 71 -17.90 -2.47 -11.65
CA ASP A 71 -18.60 -2.78 -10.42
C ASP A 71 -17.72 -2.48 -9.15
N VAL A 72 -16.42 -2.74 -9.31
CA VAL A 72 -15.46 -2.49 -8.20
C VAL A 72 -15.46 -1.00 -7.94
N ARG A 73 -15.30 -0.21 -8.99
CA ARG A 73 -15.35 1.24 -8.90
C ARG A 73 -16.63 1.68 -8.25
N ALA A 74 -17.78 1.09 -8.69
CA ALA A 74 -19.08 1.48 -8.14
C ALA A 74 -19.18 1.18 -6.65
N VAL A 75 -18.79 -0.01 -6.23
CA VAL A 75 -18.83 -0.41 -4.82
C VAL A 75 -18.00 0.57 -3.95
N LEU A 76 -16.77 0.85 -4.37
CA LEU A 76 -15.82 1.66 -3.57
C LEU A 76 -16.25 3.12 -3.50
N GLY A 77 -17.03 3.60 -4.49
CA GLY A 77 -17.56 4.97 -4.43
C GLY A 77 -19.01 5.07 -3.97
N ASP A 78 -19.67 3.97 -3.58
CA ASP A 78 -21.12 3.99 -3.29
C ASP A 78 -21.37 4.21 -1.78
N GLY A 79 -22.16 5.21 -1.47
CA GLY A 79 -22.55 5.55 -0.12
C GLY A 79 -23.17 4.45 0.69
N ARG A 80 -23.74 3.48 -0.02
CA ARG A 80 -24.37 2.34 0.65
C ARG A 80 -23.39 1.24 1.09
N PHE A 81 -22.09 1.39 0.84
CA PHE A 81 -21.13 0.34 1.27
C PHE A 81 -20.13 0.96 2.22
N VAL A 82 -20.14 0.46 3.46
CA VAL A 82 -19.43 1.13 4.57
C VAL A 82 -18.37 0.22 5.15
N ARG A 83 -17.52 0.83 6.00
CA ARG A 83 -16.42 0.11 6.62
C ARG A 83 -16.58 -0.06 8.14
N GLY A 84 -17.45 0.71 8.79
CA GLY A 84 -17.62 0.65 10.26
C GLY A 84 -17.83 -0.74 10.85
N PRO A 85 -18.58 -1.66 10.15
CA PRO A 85 -18.75 -2.99 10.76
C PRO A 85 -17.49 -3.77 10.95
N SER A 86 -16.42 -3.36 10.30
CA SER A 86 -15.09 -3.98 10.47
C SER A 86 -14.72 -4.02 11.92
N MET A 87 -15.26 -3.10 12.72
N MET A 87 -15.26 -3.11 12.72
CA MET A 87 -14.83 -3.00 14.12
CA MET A 87 -14.84 -3.01 14.12
C MET A 87 -15.34 -4.16 14.96
C MET A 87 -15.35 -4.17 14.96
N THR A 88 -16.42 -4.82 14.53
CA THR A 88 -16.97 -5.94 15.35
C THR A 88 -17.19 -7.24 14.54
N ARG A 89 -17.28 -7.14 13.21
CA ARG A 89 -17.60 -8.32 12.43
C ARG A 89 -16.45 -9.31 12.28
N ASP A 90 -16.83 -10.55 11.97
CA ASP A 90 -15.83 -11.63 11.68
C ASP A 90 -15.46 -11.47 10.20
N GLU A 91 -14.59 -10.52 9.94
CA GLU A 91 -14.35 -10.05 8.60
C GLU A 91 -13.69 -11.13 7.67
N PRO A 92 -14.27 -11.32 6.45
CA PRO A 92 -13.62 -12.23 5.49
C PRO A 92 -12.15 -11.80 5.31
N ARG A 93 -11.24 -12.76 5.38
CA ARG A 93 -9.79 -12.41 5.51
C ARG A 93 -8.88 -13.61 5.31
N THR A 94 -7.57 -13.34 5.20
CA THR A 94 -6.63 -14.45 4.94
C THR A 94 -5.83 -14.90 6.15
N ARG A 95 -5.79 -14.10 7.20
CA ARG A 95 -5.02 -14.45 8.40
C ARG A 95 -5.98 -14.60 9.60
N PRO A 96 -5.58 -15.38 10.65
CA PRO A 96 -6.50 -15.66 11.76
C PRO A 96 -6.80 -14.43 12.64
N GLU A 97 -5.83 -13.54 12.83
CA GLU A 97 -6.06 -12.37 13.70
C GLU A 97 -6.82 -11.34 12.89
N MET A 98 -7.48 -10.41 13.60
CA MET A 98 -8.23 -9.27 12.99
C MET A 98 -7.36 -8.06 13.27
N VAL A 99 -6.97 -7.31 12.26
CA VAL A 99 -6.40 -5.96 12.48
C VAL A 99 -7.54 -4.93 12.18
N LYS A 100 -7.86 -4.05 13.14
CA LYS A 100 -9.02 -3.17 12.95
C LYS A 100 -8.58 -1.77 13.32
N GLY A 101 -9.39 -0.78 12.92
CA GLY A 101 -9.19 0.60 13.35
C GLY A 101 -8.51 1.46 12.29
N GLY A 102 -8.21 2.71 12.68
CA GLY A 102 -7.59 3.68 11.78
C GLY A 102 -8.63 4.25 10.84
N LEU A 103 -8.16 5.08 9.90
CA LEU A 103 -9.08 5.77 8.97
C LEU A 103 -9.90 4.79 8.16
N LEU A 104 -9.33 3.61 7.87
CA LEU A 104 -9.97 2.68 6.98
C LEU A 104 -11.12 1.87 7.62
N SER A 105 -11.31 1.96 8.93
N SER A 105 -11.32 2.07 8.93
CA SER A 105 -12.46 1.34 9.61
CA SER A 105 -12.39 1.46 9.70
C SER A 105 -13.50 2.42 9.93
C SER A 105 -13.56 2.40 9.78
N MET A 106 -13.34 3.64 9.39
CA MET A 106 -14.30 4.74 9.69
C MET A 106 -15.18 5.06 8.46
N ASP A 107 -16.36 5.60 8.75
CA ASP A 107 -17.27 6.07 7.70
C ASP A 107 -17.56 7.57 7.85
N PRO A 108 -17.95 8.23 6.75
CA PRO A 108 -18.43 9.59 6.88
C PRO A 108 -19.64 9.59 7.85
N PRO A 109 -19.81 10.68 8.65
CA PRO A 109 -18.95 11.89 8.61
C PRO A 109 -17.73 11.82 9.55
N GLU A 110 -17.61 10.84 10.44
CA GLU A 110 -16.39 10.77 11.34
C GLU A 110 -15.08 10.67 10.54
N HIS A 111 -15.12 9.80 9.53
CA HIS A 111 -14.05 9.66 8.57
C HIS A 111 -13.66 10.97 7.90
N SER A 112 -14.67 11.71 7.41
CA SER A 112 -14.48 12.93 6.67
C SER A 112 -13.73 13.99 7.47
N ARG A 113 -14.08 14.17 8.75
CA ARG A 113 -13.39 15.16 9.62
C ARG A 113 -11.94 14.84 9.73
N LEU A 114 -11.62 13.60 10.03
CA LEU A 114 -10.15 13.22 10.25
C LEU A 114 -9.39 13.33 8.97
N ARG A 115 -10.03 12.86 7.83
CA ARG A 115 -9.38 12.88 6.59
C ARG A 115 -9.12 14.31 6.13
N ARG A 116 -10.04 15.23 6.41
CA ARG A 116 -9.89 16.61 5.95
C ARG A 116 -8.65 17.25 6.64
N LEU A 117 -8.53 16.99 7.92
CA LEU A 117 -7.40 17.57 8.75
C LEU A 117 -6.07 16.98 8.24
N VAL A 118 -6.05 15.67 7.94
CA VAL A 118 -4.81 15.04 7.49
C VAL A 118 -4.38 15.61 6.15
N VAL A 119 -5.32 15.65 5.22
CA VAL A 119 -4.94 16.07 3.86
C VAL A 119 -4.59 17.58 3.79
N LYS A 120 -5.16 18.39 4.67
CA LYS A 120 -4.81 19.80 4.77
C LYS A 120 -3.29 19.88 5.13
N ALA A 121 -2.81 18.93 5.92
CA ALA A 121 -1.36 18.96 6.34
C ALA A 121 -0.46 18.18 5.34
N PHE A 122 -0.98 17.03 4.87
CA PHE A 122 -0.24 16.10 4.05
C PHE A 122 -0.54 16.36 2.58
N THR A 123 -0.07 17.49 2.08
CA THR A 123 -0.42 17.93 0.75
C THR A 123 0.41 17.27 -0.35
N ALA A 124 -0.07 17.37 -1.57
CA ALA A 124 0.72 16.94 -2.72
C ALA A 124 2.04 17.73 -2.85
N ARG A 125 1.99 19.02 -2.53
CA ARG A 125 3.21 19.78 -2.51
C ARG A 125 4.27 19.25 -1.47
N ARG A 126 3.79 18.85 -0.30
CA ARG A 126 4.66 18.32 0.78
C ARG A 126 5.25 17.02 0.20
N ALA A 127 4.40 16.17 -0.43
CA ALA A 127 4.92 14.91 -0.92
C ALA A 127 6.06 15.17 -1.97
N GLU A 128 5.81 16.07 -2.92
CA GLU A 128 6.75 16.42 -3.97
C GLU A 128 8.05 16.97 -3.33
N SER A 129 7.95 17.73 -2.24
CA SER A 129 9.16 18.37 -1.63
C SER A 129 10.09 17.32 -1.05
N LEU A 130 9.61 16.07 -0.90
CA LEU A 130 10.46 14.99 -0.35
C LEU A 130 11.22 14.27 -1.40
N ARG A 131 11.00 14.59 -2.68
CA ARG A 131 11.73 13.90 -3.75
C ARG A 131 13.28 14.03 -3.60
N PRO A 132 13.80 15.26 -3.36
CA PRO A 132 15.28 15.33 -3.28
C PRO A 132 15.86 14.45 -2.16
N ARG A 133 15.22 14.42 -0.98
CA ARG A 133 15.72 13.64 0.18
C ARG A 133 15.48 12.13 -0.08
N ALA A 134 14.36 11.80 -0.74
CA ALA A 134 14.18 10.39 -1.10
C ALA A 134 15.24 9.91 -2.07
N ARG A 135 15.62 10.75 -3.04
CA ARG A 135 16.68 10.38 -3.97
C ARG A 135 18.03 10.24 -3.20
N GLU A 136 18.30 11.15 -2.26
CA GLU A 136 19.60 11.01 -1.51
C GLU A 136 19.60 9.74 -0.71
N ILE A 137 18.42 9.41 -0.08
CA ILE A 137 18.31 8.19 0.70
C ILE A 137 18.53 6.96 -0.19
N ALA A 138 17.86 6.96 -1.36
CA ALA A 138 17.99 5.82 -2.26
C ALA A 138 19.47 5.62 -2.71
N HIS A 139 20.11 6.72 -3.06
CA HIS A 139 21.58 6.69 -3.40
C HIS A 139 22.44 6.13 -2.30
N GLU A 140 22.16 6.52 -1.06
CA GLU A 140 22.92 5.98 0.14
C GLU A 140 22.67 4.49 0.31
N LEU A 141 21.39 4.07 0.03
CA LEU A 141 21.10 2.64 0.19
C LEU A 141 21.73 1.83 -0.88
N VAL A 142 21.82 2.36 -2.09
CA VAL A 142 22.54 1.63 -3.15
C VAL A 142 24.05 1.63 -2.79
N ASP A 143 24.56 2.76 -2.31
CA ASP A 143 26.00 2.71 -1.88
C ASP A 143 26.24 1.52 -0.94
N GLN A 144 25.38 1.41 0.07
CA GLN A 144 25.51 0.40 1.13
C GLN A 144 25.34 -1.01 0.63
N MET A 145 24.33 -1.18 -0.23
CA MET A 145 24.14 -2.44 -0.88
C MET A 145 25.34 -2.87 -1.74
N ALA A 146 25.88 -1.96 -2.56
CA ALA A 146 26.95 -2.31 -3.46
C ALA A 146 28.23 -2.63 -2.63
N ALA A 147 28.38 -2.00 -1.47
CA ALA A 147 29.56 -2.26 -0.60
C ALA A 147 29.55 -3.66 0.05
N THR A 148 28.39 -4.35 0.05
CA THR A 148 28.35 -5.73 0.54
C THR A 148 28.77 -6.73 -0.52
N GLY A 149 28.99 -6.29 -1.75
CA GLY A 149 29.42 -7.25 -2.76
C GLY A 149 28.23 -7.95 -3.40
N GLN A 150 28.51 -8.83 -4.35
CA GLN A 150 27.41 -9.46 -5.15
C GLN A 150 27.36 -10.96 -4.92
N PRO A 151 26.15 -11.60 -4.98
CA PRO A 151 24.84 -10.93 -5.07
C PRO A 151 24.47 -10.22 -3.75
N ALA A 152 23.58 -9.25 -3.80
CA ALA A 152 23.16 -8.58 -2.58
C ALA A 152 21.63 -8.65 -2.59
N ASP A 153 21.03 -8.66 -1.39
CA ASP A 153 19.56 -8.77 -1.30
C ASP A 153 18.93 -7.38 -1.41
N LEU A 154 18.32 -7.11 -2.58
CA LEU A 154 17.60 -5.88 -2.82
C LEU A 154 16.41 -5.66 -1.88
N VAL A 155 15.77 -6.72 -1.37
CA VAL A 155 14.65 -6.55 -0.43
C VAL A 155 15.16 -6.05 0.91
N ALA A 156 16.09 -6.80 1.52
CA ALA A 156 16.58 -6.38 2.82
C ALA A 156 17.25 -4.99 2.73
N MET A 157 18.03 -4.77 1.68
CA MET A 157 18.98 -3.61 1.69
C MET A 157 18.39 -2.36 1.13
N PHE A 158 17.28 -2.52 0.38
CA PHE A 158 16.77 -1.36 -0.33
C PHE A 158 15.28 -1.23 -0.12
N ALA A 159 14.54 -2.28 -0.61
CA ALA A 159 13.05 -2.12 -0.55
C ALA A 159 12.49 -1.98 0.85
N ARG A 160 13.05 -2.72 1.82
CA ARG A 160 12.60 -2.62 3.19
C ARG A 160 13.18 -1.42 3.95
N GLN A 161 14.06 -0.66 3.31
CA GLN A 161 14.71 0.53 3.97
C GLN A 161 14.20 1.87 3.48
N LEU A 162 13.99 2.00 2.14
CA LEU A 162 13.65 3.32 1.59
C LEU A 162 12.30 3.87 2.17
N PRO A 163 11.21 3.06 2.17
CA PRO A 163 9.89 3.69 2.52
C PRO A 163 9.77 4.09 4.00
N VAL A 164 10.36 3.30 4.90
CA VAL A 164 10.31 3.68 6.29
C VAL A 164 11.20 4.94 6.55
N ARG A 165 12.38 5.04 5.92
CA ARG A 165 13.24 6.26 6.08
C ARG A 165 12.55 7.48 5.48
N VAL A 166 11.84 7.27 4.36
CA VAL A 166 11.07 8.41 3.83
C VAL A 166 9.96 8.83 4.77
N ILE A 167 9.25 7.88 5.40
N ILE A 167 9.26 7.86 5.38
CA ILE A 167 8.21 8.24 6.38
CA ILE A 167 8.24 8.20 6.38
C ILE A 167 8.83 8.96 7.58
C ILE A 167 8.84 8.95 7.58
N CYS A 168 10.02 8.53 7.98
CA CYS A 168 10.78 9.25 9.03
C CYS A 168 10.95 10.70 8.60
N GLU A 169 11.45 10.93 7.38
CA GLU A 169 11.71 12.27 6.90
C GLU A 169 10.36 13.06 6.87
N LEU A 170 9.30 12.40 6.36
CA LEU A 170 8.01 13.07 6.24
C LEU A 170 7.52 13.56 7.62
N LEU A 171 7.53 12.64 8.61
CA LEU A 171 6.99 12.97 9.95
C LEU A 171 7.85 14.01 10.66
N GLY A 172 9.13 13.92 10.40
CA GLY A 172 10.12 14.80 11.12
C GLY A 172 10.90 14.05 12.22
N VAL A 173 11.00 12.73 12.14
CA VAL A 173 11.90 11.97 13.06
C VAL A 173 13.36 12.43 12.76
N PRO A 174 14.09 12.88 13.79
CA PRO A 174 15.46 13.38 13.51
C PRO A 174 16.31 12.22 12.97
N SER A 175 17.22 12.57 12.05
N SER A 175 17.24 12.54 12.06
CA SER A 175 18.19 11.64 11.44
CA SER A 175 18.12 11.53 11.46
C SER A 175 18.80 10.61 12.40
C SER A 175 18.78 10.56 12.43
N ALA A 176 19.27 11.08 13.56
CA ALA A 176 19.94 10.24 14.58
C ALA A 176 19.05 9.09 15.04
N ASP A 177 17.72 9.25 14.87
CA ASP A 177 16.79 8.24 15.34
C ASP A 177 16.20 7.37 14.20
N HIS A 178 16.61 7.60 12.97
CA HIS A 178 15.94 6.81 11.87
C HIS A 178 16.28 5.35 12.00
N ASP A 179 17.52 5.00 12.39
CA ASP A 179 17.84 3.61 12.52
C ASP A 179 16.98 2.91 13.58
N ARG A 180 16.85 3.48 14.80
CA ARG A 180 16.04 2.80 15.81
C ARG A 180 14.57 2.75 15.42
N PHE A 181 14.09 3.83 14.84
CA PHE A 181 12.68 3.86 14.41
C PHE A 181 12.39 2.80 13.33
N THR A 182 13.32 2.66 12.38
CA THR A 182 13.26 1.64 11.32
C THR A 182 13.26 0.25 11.90
N ARG A 183 14.13 -0.01 12.88
CA ARG A 183 14.09 -1.27 13.63
C ARG A 183 12.73 -1.58 14.28
N TRP A 184 12.15 -0.61 15.00
CA TRP A 184 10.84 -0.87 15.65
C TRP A 184 9.84 -1.13 14.54
N SER A 185 9.94 -0.35 13.47
CA SER A 185 8.90 -0.42 12.40
C SER A 185 8.91 -1.78 11.69
N GLY A 186 10.08 -2.39 11.60
CA GLY A 186 10.28 -3.71 10.99
C GLY A 186 9.42 -4.81 11.61
N ALA A 187 9.12 -4.64 12.90
CA ALA A 187 8.36 -5.59 13.71
C ALA A 187 6.91 -5.62 13.26
N PHE A 188 6.46 -4.57 12.56
CA PHE A 188 5.03 -4.50 12.15
C PHE A 188 4.77 -5.05 10.77
N LEU A 189 5.83 -5.43 10.05
CA LEU A 189 5.69 -6.03 8.70
C LEU A 189 5.04 -7.40 8.79
N SER A 190 4.15 -7.72 7.84
CA SER A 190 3.47 -9.04 7.91
C SER A 190 4.47 -10.21 7.74
N THR A 191 5.68 -9.88 7.24
CA THR A 191 6.71 -10.88 7.00
C THR A 191 7.62 -11.06 8.22
N ALA A 192 7.44 -10.21 9.25
CA ALA A 192 8.40 -10.25 10.41
C ALA A 192 8.30 -11.55 11.15
N GLU A 193 9.46 -12.04 11.61
CA GLU A 193 9.53 -13.18 12.49
C GLU A 193 9.88 -12.68 13.88
N VAL A 194 8.88 -12.26 14.63
CA VAL A 194 9.16 -11.71 15.95
C VAL A 194 8.19 -12.43 16.84
N THR A 195 8.57 -12.55 18.11
CA THR A 195 7.69 -13.10 19.10
C THR A 195 6.65 -12.02 19.43
N ALA A 196 5.57 -12.42 20.12
CA ALA A 196 4.59 -11.46 20.65
C ALA A 196 5.28 -10.42 21.56
N GLU A 197 6.20 -10.88 22.40
CA GLU A 197 6.90 -9.95 23.32
C GLU A 197 7.71 -8.92 22.56
N GLU A 198 8.47 -9.36 21.57
CA GLU A 198 9.28 -8.45 20.76
C GLU A 198 8.38 -7.46 20.02
N MET A 199 7.28 -7.93 19.42
CA MET A 199 6.42 -7.00 18.65
C MET A 199 5.78 -5.95 19.59
N GLN A 200 5.34 -6.43 20.76
CA GLN A 200 4.76 -5.56 21.78
C GLN A 200 5.72 -4.48 22.28
N GLU A 201 6.96 -4.88 22.51
CA GLU A 201 8.01 -3.94 22.92
C GLU A 201 8.26 -2.90 21.79
N ALA A 202 8.38 -3.36 20.51
CA ALA A 202 8.56 -2.44 19.37
C ALA A 202 7.33 -1.44 19.24
N ALA A 203 6.09 -1.94 19.35
CA ALA A 203 4.90 -1.04 19.31
C ALA A 203 4.93 0.02 20.46
N GLU A 204 5.21 -0.44 21.69
CA GLU A 204 5.31 0.45 22.83
C GLU A 204 6.39 1.49 22.57
N GLN A 205 7.57 1.08 22.07
CA GLN A 205 8.65 2.03 21.79
C GLN A 205 8.25 3.08 20.79
N ALA A 206 7.63 2.61 19.70
CA ALA A 206 7.21 3.50 18.64
C ALA A 206 6.13 4.47 19.10
N TYR A 207 5.10 4.03 19.81
N TYR A 207 5.14 3.99 19.84
CA TYR A 207 4.03 4.96 20.23
CA TYR A 207 4.01 4.82 20.36
C TYR A 207 4.56 5.97 21.28
C TYR A 207 4.54 5.92 21.28
N ALA A 208 5.43 5.54 22.16
CA ALA A 208 5.99 6.43 23.18
C ALA A 208 6.87 7.50 22.48
N TYR A 209 7.62 7.05 21.48
CA TYR A 209 8.52 7.95 20.77
C TYR A 209 7.69 9.00 19.99
N MET A 210 6.66 8.51 19.30
CA MET A 210 5.88 9.38 18.51
C MET A 210 5.07 10.35 19.35
N GLY A 211 4.60 9.91 20.52
CA GLY A 211 3.85 10.79 21.41
C GLY A 211 4.73 11.93 21.89
N ASP A 212 5.98 11.60 22.25
N ASP A 212 5.97 11.62 22.21
CA ASP A 212 6.97 12.59 22.64
CA ASP A 212 6.86 12.65 22.66
C ASP A 212 7.22 13.59 21.52
C ASP A 212 7.28 13.60 21.52
N LEU A 213 7.47 13.08 20.31
CA LEU A 213 7.78 13.90 19.16
C LEU A 213 6.60 14.87 18.92
N ILE A 214 5.36 14.36 18.87
CA ILE A 214 4.19 15.27 18.79
C ILE A 214 4.20 16.38 19.81
N ASP A 215 4.41 15.96 21.08
CA ASP A 215 4.47 16.91 22.20
C ASP A 215 5.56 18.00 22.00
N ARG A 216 6.72 17.61 21.49
CA ARG A 216 7.81 18.58 21.18
C ARG A 216 7.53 19.50 20.02
N ARG A 217 6.91 18.96 18.94
CA ARG A 217 6.55 19.79 17.82
C ARG A 217 5.41 20.76 18.20
N ARG A 218 4.51 20.39 19.12
CA ARG A 218 3.47 21.38 19.54
C ARG A 218 4.13 22.55 20.25
N LYS A 219 5.11 22.23 21.10
CA LYS A 219 5.83 23.32 21.81
C LYS A 219 6.70 24.19 20.92
N GLU A 220 7.27 23.57 19.89
CA GLU A 220 8.28 24.19 19.04
C GLU A 220 8.08 23.63 17.62
N PRO A 221 7.13 24.24 16.86
CA PRO A 221 6.85 23.62 15.55
C PRO A 221 8.00 23.75 14.53
N THR A 222 8.04 22.86 13.57
CA THR A 222 9.03 22.92 12.52
C THR A 222 8.27 22.82 11.19
N ASP A 223 8.96 22.47 10.12
N ASP A 223 8.96 22.48 10.11
CA ASP A 223 8.35 22.35 8.82
CA ASP A 223 8.32 22.36 8.82
C ASP A 223 7.86 20.95 8.50
C ASP A 223 7.87 20.94 8.48
N ASP A 224 7.95 19.99 9.43
CA ASP A 224 7.65 18.57 9.12
C ASP A 224 6.09 18.28 9.23
N LEU A 225 5.70 17.05 8.93
CA LEU A 225 4.28 16.70 8.90
C LEU A 225 3.66 16.64 10.28
N VAL A 226 4.43 16.19 11.27
CA VAL A 226 3.88 16.16 12.59
C VAL A 226 3.52 17.56 13.03
N SER A 227 4.43 18.56 12.85
CA SER A 227 4.05 19.95 13.16
C SER A 227 2.83 20.40 12.38
N ALA A 228 2.74 20.03 11.09
CA ALA A 228 1.59 20.55 10.29
C ALA A 228 0.29 19.88 10.78
N LEU A 229 0.37 18.63 11.20
CA LEU A 229 -0.81 17.94 11.79
C LEU A 229 -1.27 18.61 13.05
N VAL A 230 -0.28 18.90 13.97
CA VAL A 230 -0.66 19.59 15.20
C VAL A 230 -1.38 20.90 14.91
N GLN A 231 -0.92 21.64 13.93
CA GLN A 231 -1.61 22.91 13.73
C GLN A 231 -2.72 23.01 12.77
N ALA A 232 -3.00 21.90 12.14
CA ALA A 232 -4.13 21.86 11.18
C ALA A 232 -5.39 22.30 11.92
N ARG A 233 -6.23 23.09 11.26
CA ARG A 233 -7.49 23.49 11.83
C ARG A 233 -8.55 23.44 10.76
N ASP A 234 -9.77 23.19 11.18
N ASP A 234 -9.78 23.17 11.20
CA ASP A 234 -10.92 23.60 10.40
CA ASP A 234 -11.03 23.41 10.45
C ASP A 234 -11.78 24.45 11.32
C ASP A 234 -11.90 24.41 11.22
N GLN A 235 -11.69 25.76 11.12
N GLN A 235 -11.63 25.70 11.06
CA GLN A 235 -12.39 26.68 12.00
CA GLN A 235 -12.28 26.71 11.89
C GLN A 235 -11.92 26.30 13.39
C GLN A 235 -11.93 26.34 13.38
N GLN A 236 -12.83 25.80 14.22
CA GLN A 236 -12.45 25.49 15.62
C GLN A 236 -12.01 24.05 15.84
N ASP A 237 -12.32 23.19 14.87
CA ASP A 237 -11.88 21.80 14.95
C ASP A 237 -10.37 21.53 14.67
N SER A 238 -9.82 20.54 15.38
CA SER A 238 -8.37 20.20 15.28
C SER A 238 -8.25 18.75 15.72
N LEU A 239 -7.05 18.14 15.55
CA LEU A 239 -6.81 16.78 15.97
C LEU A 239 -6.45 16.74 17.43
N SER A 240 -7.08 15.83 18.18
CA SER A 240 -6.77 15.64 19.60
C SER A 240 -5.38 14.94 19.72
N GLU A 241 -4.84 14.91 20.94
CA GLU A 241 -3.59 14.25 21.20
C GLU A 241 -3.64 12.78 20.71
N GLN A 242 -4.70 12.07 21.10
CA GLN A 242 -4.85 10.69 20.72
C GLN A 242 -5.00 10.51 19.17
N GLU A 243 -5.79 11.39 18.51
CA GLU A 243 -5.91 11.36 17.01
C GLU A 243 -4.53 11.59 16.36
N LEU A 244 -3.77 12.54 16.90
CA LEU A 244 -2.46 12.80 16.32
C LEU A 244 -1.58 11.57 16.36
N LEU A 245 -1.60 10.87 17.49
CA LEU A 245 -0.65 9.76 17.71
C LEU A 245 -1.12 8.57 16.83
N ASP A 246 -2.42 8.32 16.89
CA ASP A 246 -2.97 7.24 16.04
C ASP A 246 -2.76 7.50 14.55
N LEU A 247 -2.92 8.75 14.12
CA LEU A 247 -2.79 9.06 12.69
C LEU A 247 -1.36 8.96 12.22
N ALA A 248 -0.42 9.42 13.06
CA ALA A 248 1.00 9.34 12.69
C ALA A 248 1.48 7.90 12.55
N ILE A 249 1.13 7.04 13.53
CA ILE A 249 1.50 5.61 13.45
C ILE A 249 0.72 4.95 12.30
N GLY A 250 -0.55 5.33 12.16
CA GLY A 250 -1.33 4.93 10.95
C GLY A 250 -0.67 5.20 9.61
N LEU A 251 -0.08 6.37 9.45
CA LEU A 251 0.61 6.72 8.22
C LEU A 251 1.80 5.79 8.03
N LEU A 252 2.57 5.59 9.13
CA LEU A 252 3.72 4.70 9.08
C LEU A 252 3.32 3.32 8.61
N VAL A 253 2.37 2.66 9.28
CA VAL A 253 2.05 1.26 8.86
C VAL A 253 1.35 1.21 7.48
N ALA A 254 0.53 2.19 7.16
CA ALA A 254 -0.05 2.20 5.78
C ALA A 254 0.98 2.48 4.68
N GLY A 255 2.06 3.20 5.01
CA GLY A 255 2.97 3.69 3.96
C GLY A 255 4.25 2.87 3.90
N TYR A 256 4.43 1.96 4.85
CA TYR A 256 5.64 1.15 4.84
C TYR A 256 5.53 -0.16 3.98
N GLU A 257 4.89 -1.17 4.52
CA GLU A 257 4.89 -2.47 3.87
C GLU A 257 4.39 -2.40 2.41
N SER A 258 3.36 -1.56 2.16
N SER A 258 3.39 -1.56 2.15
CA SER A 258 2.80 -1.44 0.78
CA SER A 258 2.83 -1.52 0.78
C SER A 258 3.93 -1.01 -0.15
C SER A 258 3.89 -0.98 -0.20
N THR A 259 4.52 0.15 0.16
CA THR A 259 5.51 0.73 -0.69
C THR A 259 6.72 -0.23 -0.89
N THR A 260 7.15 -0.83 0.21
CA THR A 260 8.31 -1.79 0.20
C THR A 260 8.00 -2.94 -0.78
N THR A 261 6.79 -3.45 -0.67
CA THR A 261 6.47 -4.65 -1.41
C THR A 261 6.35 -4.31 -2.94
N GLN A 262 5.83 -3.11 -3.20
CA GLN A 262 5.64 -2.64 -4.55
C GLN A 262 6.99 -2.31 -5.17
N ILE A 263 7.97 -1.75 -4.38
CA ILE A 263 9.28 -1.58 -4.95
C ILE A 263 9.83 -2.91 -5.37
N ALA A 264 9.72 -3.91 -4.49
CA ALA A 264 10.32 -5.18 -4.72
C ALA A 264 9.64 -5.78 -6.00
N ASP A 265 8.34 -5.64 -6.06
CA ASP A 265 7.65 -6.29 -7.24
C ASP A 265 8.00 -5.57 -8.54
N PHE A 266 8.03 -4.22 -8.50
CA PHE A 266 8.39 -3.49 -9.72
C PHE A 266 9.79 -3.82 -10.23
N VAL A 267 10.78 -3.86 -9.31
CA VAL A 267 12.12 -4.22 -9.79
C VAL A 267 12.26 -5.69 -10.22
N TYR A 268 11.54 -6.59 -9.53
CA TYR A 268 11.41 -7.99 -9.98
C TYR A 268 10.94 -8.02 -11.47
N LEU A 269 9.97 -7.20 -11.78
CA LEU A 269 9.44 -7.15 -13.18
C LEU A 269 10.47 -6.59 -14.14
N LEU A 270 11.12 -5.48 -13.75
CA LEU A 270 12.15 -4.93 -14.60
C LEU A 270 13.33 -5.93 -14.81
N MET A 271 13.69 -6.68 -13.79
CA MET A 271 14.81 -7.60 -13.92
C MET A 271 14.50 -8.82 -14.81
N THR A 272 13.21 -9.18 -14.89
CA THR A 272 12.81 -10.39 -15.58
C THR A 272 12.24 -10.11 -16.99
N ARG A 273 11.99 -8.83 -17.30
CA ARG A 273 11.37 -8.45 -18.56
C ARG A 273 12.24 -7.48 -19.27
N PRO A 274 13.14 -7.99 -20.15
CA PRO A 274 14.19 -7.15 -20.73
C PRO A 274 13.72 -5.92 -21.45
N GLU A 275 12.58 -6.01 -22.16
CA GLU A 275 12.15 -4.88 -22.93
C GLU A 275 11.64 -3.79 -22.00
N LEU A 276 11.07 -4.18 -20.86
CA LEU A 276 10.53 -3.23 -19.89
C LEU A 276 11.73 -2.41 -19.34
N ARG A 277 12.78 -3.12 -18.90
CA ARG A 277 14.02 -2.52 -18.44
C ARG A 277 14.64 -1.57 -19.48
N ARG A 278 14.72 -2.05 -20.73
CA ARG A 278 15.31 -1.30 -21.82
C ARG A 278 14.54 0.01 -22.02
N GLN A 279 13.21 -0.06 -21.96
CA GLN A 279 12.43 1.16 -22.28
C GLN A 279 12.69 2.23 -21.22
N LEU A 280 12.85 1.81 -19.95
CA LEU A 280 13.11 2.82 -18.89
C LEU A 280 14.54 3.29 -18.83
N LEU A 281 15.49 2.45 -19.25
CA LEU A 281 16.91 2.90 -19.39
C LEU A 281 17.02 3.93 -20.49
N ASP A 282 16.30 3.70 -21.58
CA ASP A 282 16.45 4.53 -22.78
C ASP A 282 15.62 5.80 -22.68
N ARG A 283 14.51 5.74 -21.96
CA ARG A 283 13.65 6.93 -21.75
C ARG A 283 13.24 6.98 -20.28
N PRO A 284 14.16 7.46 -19.40
CA PRO A 284 13.77 7.61 -17.98
C PRO A 284 12.57 8.54 -17.74
N GLU A 285 12.31 9.44 -18.68
CA GLU A 285 11.12 10.28 -18.56
C GLU A 285 9.81 9.45 -18.59
N LEU A 286 9.88 8.17 -19.03
CA LEU A 286 8.71 7.27 -18.91
C LEU A 286 8.46 6.72 -17.52
N ILE A 287 9.37 6.96 -16.55
CA ILE A 287 9.15 6.34 -15.29
C ILE A 287 7.85 6.68 -14.56
N PRO A 288 7.39 7.95 -14.59
CA PRO A 288 6.15 8.21 -13.84
C PRO A 288 4.97 7.45 -14.48
N SER A 289 4.94 7.43 -15.80
CA SER A 289 3.82 6.66 -16.47
C SER A 289 3.97 5.17 -16.19
N ALA A 290 5.25 4.68 -16.16
CA ALA A 290 5.50 3.26 -15.87
C ALA A 290 5.05 2.90 -14.44
N VAL A 291 5.27 3.83 -13.49
CA VAL A 291 4.81 3.61 -12.12
C VAL A 291 3.26 3.43 -12.10
N GLU A 292 2.54 4.28 -12.83
CA GLU A 292 1.06 4.09 -12.93
C GLU A 292 0.71 2.79 -13.60
N GLU A 293 1.43 2.43 -14.64
CA GLU A 293 1.11 1.17 -15.41
C GLU A 293 1.35 -0.04 -14.56
N LEU A 294 2.47 -0.01 -13.76
CA LEU A 294 2.76 -1.14 -12.93
C LEU A 294 1.88 -1.19 -11.72
N THR A 295 1.45 -0.04 -11.20
CA THR A 295 0.45 -0.04 -10.12
C THR A 295 -0.92 -0.70 -10.60
N ARG A 296 -1.23 -0.37 -11.83
CA ARG A 296 -2.49 -1.01 -12.45
C ARG A 296 -2.22 -2.48 -12.61
N TRP A 297 -1.10 -2.84 -13.21
CA TRP A 297 -0.91 -4.23 -13.58
C TRP A 297 -0.69 -5.23 -12.48
N VAL A 298 0.21 -4.86 -11.55
CA VAL A 298 0.47 -5.77 -10.42
C VAL A 298 -0.70 -6.01 -9.49
N PRO A 299 -1.17 -7.26 -9.39
CA PRO A 299 -2.24 -7.57 -8.45
C PRO A 299 -1.53 -7.86 -7.12
N LEU A 300 -1.30 -6.73 -6.43
CA LEU A 300 -0.39 -6.73 -5.22
C LEU A 300 -1.03 -7.46 -4.06
N GLY A 301 -2.37 -7.32 -3.90
CA GLY A 301 -3.01 -8.02 -2.79
C GLY A 301 -3.13 -9.51 -3.08
N VAL A 302 -2.98 -10.33 -2.04
CA VAL A 302 -3.34 -11.79 -2.14
C VAL A 302 -4.84 -11.94 -2.45
N GLY A 303 -5.66 -11.13 -1.77
CA GLY A 303 -7.16 -11.17 -2.00
C GLY A 303 -7.57 -9.78 -2.31
N THR A 304 -8.57 -9.32 -1.58
N THR A 304 -8.53 -9.21 -1.59
CA THR A 304 -8.97 -7.96 -1.76
CA THR A 304 -8.99 -7.89 -2.06
C THR A 304 -8.60 -7.16 -0.48
C THR A 304 -9.03 -6.71 -1.05
N ALA A 305 -8.95 -7.68 0.72
N ALA A 305 -9.55 -5.60 -1.59
CA ALA A 305 -8.45 -7.17 2.07
CA ALA A 305 -9.67 -4.24 -1.00
C ALA A 305 -9.33 -6.31 3.01
C ALA A 305 -10.08 -4.09 0.46
N PHE A 306 -9.94 -5.26 2.50
N PHE A 306 -10.54 -5.08 1.19
CA PHE A 306 -10.89 -4.41 3.28
CA PHE A 306 -10.88 -4.69 2.61
C PHE A 306 -12.33 -4.50 2.72
C PHE A 306 -12.38 -4.62 2.49
N PRO A 307 -13.09 -5.50 3.21
CA PRO A 307 -14.53 -5.72 2.84
C PRO A 307 -15.38 -4.50 3.11
N ARG A 308 -16.29 -4.25 2.18
CA ARG A 308 -17.34 -3.25 2.41
C ARG A 308 -18.57 -3.95 2.84
N TYR A 309 -19.46 -3.26 3.57
CA TYR A 309 -20.68 -3.89 4.11
C TYR A 309 -21.87 -3.10 3.62
N ALA A 310 -22.86 -3.81 3.04
CA ALA A 310 -24.05 -3.13 2.54
C ALA A 310 -24.81 -2.54 3.73
N VAL A 311 -25.24 -1.28 3.59
CA VAL A 311 -26.10 -0.72 4.63
C VAL A 311 -27.59 -1.05 4.40
N GLU A 312 -27.92 -1.46 3.17
CA GLU A 312 -29.28 -1.75 2.76
C GLU A 312 -29.15 -2.71 1.61
N ASP A 313 -30.24 -3.34 1.20
CA ASP A 313 -30.17 -4.20 0.01
C ASP A 313 -29.73 -3.42 -1.23
N VAL A 314 -28.86 -4.03 -1.98
CA VAL A 314 -28.35 -3.39 -3.19
C VAL A 314 -28.36 -4.46 -4.25
N THR A 315 -28.84 -4.13 -5.44
CA THR A 315 -28.73 -4.98 -6.64
C THR A 315 -27.56 -4.56 -7.48
N LEU A 316 -26.67 -5.53 -7.68
CA LEU A 316 -25.48 -5.32 -8.42
C LEU A 316 -25.42 -6.40 -9.48
N ARG A 317 -25.40 -5.93 -10.72
CA ARG A 317 -25.43 -6.79 -11.92
C ARG A 317 -26.47 -7.91 -11.74
N GLY A 318 -27.69 -7.54 -11.30
CA GLY A 318 -28.77 -8.54 -11.08
C GLY A 318 -28.81 -9.40 -9.83
N VAL A 319 -27.82 -9.25 -8.96
CA VAL A 319 -27.76 -10.06 -7.77
C VAL A 319 -28.08 -9.17 -6.60
N THR A 320 -28.86 -9.68 -5.68
CA THR A 320 -29.20 -8.88 -4.49
C THR A 320 -28.18 -9.12 -3.39
N ILE A 321 -27.47 -8.05 -3.00
CA ILE A 321 -26.59 -8.08 -1.82
C ILE A 321 -27.45 -7.51 -0.70
N ARG A 322 -27.66 -8.33 0.34
CA ARG A 322 -28.58 -7.93 1.42
C ARG A 322 -27.88 -7.08 2.45
N ALA A 323 -28.66 -6.23 3.10
CA ALA A 323 -28.20 -5.36 4.14
C ALA A 323 -27.33 -6.16 5.12
N GLY A 324 -26.14 -5.66 5.41
CA GLY A 324 -25.25 -6.32 6.41
C GLY A 324 -24.20 -7.21 5.77
N GLU A 325 -24.39 -7.58 4.50
CA GLU A 325 -23.49 -8.61 3.93
C GLU A 325 -22.20 -8.02 3.47
N PRO A 326 -21.05 -8.71 3.69
CA PRO A 326 -19.80 -8.16 3.19
C PRO A 326 -19.54 -8.42 1.71
N VAL A 327 -18.83 -7.48 1.13
CA VAL A 327 -18.48 -7.47 -0.29
C VAL A 327 -17.00 -7.17 -0.46
N LEU A 328 -16.34 -8.06 -1.22
CA LEU A 328 -14.92 -7.94 -1.56
C LEU A 328 -14.78 -7.40 -2.99
N ALA A 329 -14.31 -6.16 -3.10
CA ALA A 329 -14.23 -5.47 -4.42
C ALA A 329 -12.74 -5.58 -4.88
N SER A 330 -12.47 -6.49 -5.82
CA SER A 330 -11.10 -6.79 -6.21
C SER A 330 -10.53 -5.72 -7.12
N THR A 331 -9.59 -4.89 -6.55
CA THR A 331 -8.90 -3.96 -7.42
C THR A 331 -7.95 -4.69 -8.35
N GLY A 332 -7.36 -5.80 -7.91
CA GLY A 332 -6.47 -6.55 -8.75
C GLY A 332 -7.16 -7.02 -10.05
N ALA A 333 -8.39 -7.50 -9.88
CA ALA A 333 -9.16 -8.02 -11.04
C ALA A 333 -9.66 -6.82 -11.86
N ALA A 334 -10.19 -5.81 -11.16
CA ALA A 334 -10.72 -4.61 -11.85
C ALA A 334 -9.68 -3.97 -12.78
N ASN A 335 -8.42 -3.90 -12.25
CA ASN A 335 -7.35 -3.29 -13.04
C ASN A 335 -6.88 -4.11 -14.23
N ARG A 336 -7.37 -5.36 -14.36
CA ARG A 336 -6.97 -6.20 -15.43
C ARG A 336 -8.26 -6.53 -16.29
N ASP A 337 -9.29 -5.74 -16.12
CA ASP A 337 -10.59 -5.99 -16.87
C ASP A 337 -10.35 -5.51 -18.30
N GLN A 338 -10.45 -6.46 -19.27
CA GLN A 338 -10.29 -6.17 -20.67
C GLN A 338 -11.34 -5.17 -21.20
N ALA A 339 -12.43 -4.99 -20.46
CA ALA A 339 -13.50 -4.04 -20.86
C ALA A 339 -13.08 -2.63 -20.60
N GLN A 340 -12.20 -2.49 -19.58
CA GLN A 340 -11.80 -1.11 -19.22
C GLN A 340 -10.43 -0.74 -19.80
N PHE A 341 -9.50 -1.72 -19.78
CA PHE A 341 -8.14 -1.46 -20.29
C PHE A 341 -7.86 -2.25 -21.55
N PRO A 342 -7.69 -1.58 -22.72
CA PRO A 342 -7.40 -2.36 -23.95
C PRO A 342 -6.12 -3.22 -23.79
N ASP A 343 -6.24 -4.53 -24.13
CA ASP A 343 -5.11 -5.48 -23.97
C ASP A 343 -4.60 -5.38 -22.49
N ALA A 344 -5.46 -5.75 -21.55
CA ALA A 344 -5.29 -5.40 -20.13
C ALA A 344 -4.10 -6.12 -19.50
N ASP A 345 -3.70 -7.22 -20.08
CA ASP A 345 -2.55 -8.02 -19.54
C ASP A 345 -1.18 -7.55 -20.05
N ARG A 346 -1.16 -6.63 -21.01
CA ARG A 346 0.10 -6.10 -21.52
C ARG A 346 0.54 -4.98 -20.58
N ILE A 347 1.82 -4.97 -20.20
CA ILE A 347 2.35 -3.82 -19.49
C ILE A 347 2.81 -2.80 -20.52
N ASP A 348 2.10 -1.71 -20.65
CA ASP A 348 2.43 -0.71 -21.63
C ASP A 348 2.80 0.53 -20.83
N VAL A 349 4.11 0.81 -20.73
CA VAL A 349 4.57 1.87 -19.79
C VAL A 349 4.06 3.23 -20.18
N ASP A 350 3.63 3.39 -21.43
CA ASP A 350 3.07 4.61 -21.91
C ASP A 350 1.51 4.56 -22.02
N ARG A 351 0.87 3.69 -21.24
CA ARG A 351 -0.62 3.52 -21.35
C ARG A 351 -1.36 4.79 -20.97
N THR A 352 -2.20 5.30 -21.89
N THR A 352 -2.24 5.23 -21.87
CA THR A 352 -3.11 6.40 -21.58
CA THR A 352 -3.11 6.35 -21.57
C THR A 352 -4.43 6.11 -22.31
C THR A 352 -4.43 6.06 -22.30
N PRO A 353 -5.58 6.28 -21.63
CA PRO A 353 -5.74 6.71 -20.23
C PRO A 353 -5.40 5.55 -19.32
N ASN A 354 -5.38 5.82 -18.02
CA ASN A 354 -5.08 4.77 -17.06
C ASN A 354 -5.72 5.09 -15.72
N GLN A 355 -7.04 4.94 -15.67
CA GLN A 355 -7.82 5.19 -14.43
C GLN A 355 -7.88 4.00 -13.52
N HIS A 356 -6.69 3.50 -13.11
CA HIS A 356 -6.61 2.28 -12.36
C HIS A 356 -7.05 2.49 -10.91
N LEU A 357 -7.36 1.39 -10.25
CA LEU A 357 -7.89 1.43 -8.90
C LEU A 357 -6.77 0.98 -7.90
N GLY A 358 -5.51 1.02 -8.35
CA GLY A 358 -4.47 0.42 -7.51
C GLY A 358 -4.14 1.28 -6.29
N PHE A 359 -4.61 2.54 -6.25
CA PHE A 359 -4.57 3.34 -5.01
C PHE A 359 -5.99 3.53 -4.52
N GLY A 360 -6.85 2.55 -4.81
CA GLY A 360 -8.23 2.61 -4.32
C GLY A 360 -9.12 3.60 -5.07
N HIS A 361 -10.23 3.92 -4.43
CA HIS A 361 -11.29 4.73 -5.09
C HIS A 361 -12.29 5.14 -4.04
N GLY A 362 -12.92 6.27 -4.19
CA GLY A 362 -13.96 6.71 -3.26
C GLY A 362 -13.26 7.40 -2.03
N VAL A 363 -13.95 7.54 -0.94
CA VAL A 363 -13.51 8.46 0.17
C VAL A 363 -12.22 7.88 0.81
N HIS A 364 -12.01 6.55 0.69
CA HIS A 364 -10.79 5.91 1.33
C HIS A 364 -9.64 5.82 0.35
N HIS A 365 -9.74 6.45 -0.82
N HIS A 365 -9.74 6.46 -0.84
CA HIS A 365 -8.66 6.37 -1.83
CA HIS A 365 -8.66 6.46 -1.87
C HIS A 365 -7.29 6.77 -1.17
C HIS A 365 -7.30 6.75 -1.13
N CYS A 366 -6.23 6.07 -1.52
CA CYS A 366 -4.91 6.17 -0.76
C CYS A 366 -4.53 7.64 -0.52
N LEU A 367 -4.49 8.08 0.74
CA LEU A 367 -4.06 9.49 0.94
C LEU A 367 -2.53 9.65 0.91
N GLY A 368 -1.80 8.55 0.91
CA GLY A 368 -0.37 8.70 0.63
C GLY A 368 0.05 8.55 -0.79
N ALA A 369 -0.95 8.33 -1.72
CA ALA A 369 -0.53 8.13 -3.04
C ALA A 369 0.47 9.12 -3.65
N PRO A 370 0.34 10.44 -3.42
CA PRO A 370 1.35 11.32 -4.05
C PRO A 370 2.80 10.99 -3.60
N LEU A 371 2.89 10.65 -2.30
CA LEU A 371 4.23 10.29 -1.77
C LEU A 371 4.69 8.91 -2.29
N ALA A 372 3.74 7.93 -2.32
CA ALA A 372 4.05 6.60 -2.82
C ALA A 372 4.58 6.76 -4.26
N ARG A 373 3.90 7.61 -5.08
CA ARG A 373 4.40 7.84 -6.44
C ARG A 373 5.82 8.41 -6.48
N VAL A 374 6.08 9.44 -5.69
CA VAL A 374 7.45 9.94 -5.60
C VAL A 374 8.46 8.79 -5.21
N GLU A 375 8.12 7.97 -4.21
CA GLU A 375 9.06 6.89 -3.81
C GLU A 375 9.30 5.91 -4.87
N LEU A 376 8.17 5.46 -5.54
CA LEU A 376 8.38 4.46 -6.53
C LEU A 376 9.10 5.00 -7.73
N GLN A 377 8.79 6.23 -8.15
CA GLN A 377 9.51 6.84 -9.27
C GLN A 377 11.04 7.01 -8.91
N VAL A 378 11.28 7.47 -7.69
CA VAL A 378 12.73 7.63 -7.24
C VAL A 378 13.46 6.28 -7.19
N ALA A 379 12.81 5.27 -6.61
CA ALA A 379 13.38 3.93 -6.58
C ALA A 379 13.78 3.42 -7.95
N LEU A 380 12.87 3.52 -8.94
CA LEU A 380 13.29 3.13 -10.26
C LEU A 380 14.36 3.99 -10.90
N GLU A 381 14.18 5.30 -10.77
CA GLU A 381 15.14 6.23 -11.35
C GLU A 381 16.59 5.94 -10.84
N VAL A 382 16.71 5.84 -9.53
CA VAL A 382 18.05 5.66 -8.92
C VAL A 382 18.60 4.28 -9.19
N LEU A 383 17.80 3.23 -8.98
CA LEU A 383 18.32 1.88 -9.33
C LEU A 383 18.78 1.82 -10.77
N LEU A 384 17.99 2.36 -11.72
CA LEU A 384 18.36 2.22 -13.16
C LEU A 384 19.52 3.08 -13.49
N GLN A 385 19.64 4.21 -12.79
CA GLN A 385 20.77 5.09 -13.08
C GLN A 385 22.09 4.50 -12.53
N ARG A 386 22.02 3.98 -11.31
CA ARG A 386 23.25 3.46 -10.63
C ARG A 386 23.63 2.05 -11.03
N LEU A 387 22.60 1.18 -11.26
CA LEU A 387 22.79 -0.25 -11.53
C LEU A 387 22.02 -0.67 -12.79
N PRO A 388 22.41 -0.11 -13.96
CA PRO A 388 21.60 -0.37 -15.16
C PRO A 388 21.60 -1.87 -15.59
N GLY A 389 22.63 -2.59 -15.18
CA GLY A 389 22.82 -4.03 -15.36
C GLY A 389 22.12 -4.91 -14.34
N ILE A 390 21.34 -4.31 -13.45
CA ILE A 390 20.79 -5.04 -12.33
C ILE A 390 19.94 -6.25 -12.82
N ARG A 391 20.16 -7.43 -12.25
CA ARG A 391 19.43 -8.66 -12.66
C ARG A 391 19.42 -9.65 -11.51
N LEU A 392 18.55 -10.64 -11.60
CA LEU A 392 18.58 -11.75 -10.65
C LEU A 392 19.92 -12.49 -10.49
N GLY A 393 20.31 -12.62 -9.23
CA GLY A 393 21.53 -13.33 -8.93
C GLY A 393 21.32 -14.81 -8.77
N ILE A 394 20.07 -15.28 -8.95
CA ILE A 394 19.71 -16.67 -8.82
C ILE A 394 18.64 -16.93 -9.91
N PRO A 395 18.43 -18.20 -10.30
CA PRO A 395 17.28 -18.45 -11.21
C PRO A 395 15.95 -17.97 -10.64
N GLU A 396 15.12 -17.40 -11.52
CA GLU A 396 13.79 -16.94 -11.09
C GLU A 396 12.98 -18.03 -10.36
N THR A 397 13.14 -19.28 -10.79
CA THR A 397 12.42 -20.40 -10.18
C THR A 397 12.82 -20.70 -8.74
N GLN A 398 13.96 -20.15 -8.31
CA GLN A 398 14.45 -20.35 -6.95
C GLN A 398 14.07 -19.21 -6.01
N LEU A 399 13.35 -18.19 -6.48
CA LEU A 399 12.92 -17.13 -5.56
C LEU A 399 12.01 -17.64 -4.44
N ARG A 400 12.18 -17.06 -3.25
CA ARG A 400 11.32 -17.37 -2.13
C ARG A 400 10.34 -16.23 -2.05
N TRP A 401 9.05 -16.61 -2.15
CA TRP A 401 7.96 -15.62 -2.06
C TRP A 401 7.36 -15.50 -0.69
N SER A 402 6.91 -14.30 -0.32
CA SER A 402 6.26 -14.08 1.00
C SER A 402 4.96 -14.91 1.17
N GLU A 403 4.85 -15.57 2.33
CA GLU A 403 3.60 -16.21 2.74
C GLU A 403 2.93 -15.43 3.88
N GLY A 404 3.22 -14.11 3.91
CA GLY A 404 2.50 -13.23 4.85
C GLY A 404 0.96 -13.24 4.65
N MET A 405 0.51 -13.54 3.44
CA MET A 405 -0.97 -13.72 3.07
C MET A 405 -1.73 -12.39 2.94
N LEU A 406 -1.03 -11.25 3.03
CA LEU A 406 -1.71 -9.97 2.79
C LEU A 406 -1.34 -9.42 1.42
N LEU A 407 -0.03 -9.28 1.17
CA LEU A 407 0.50 -8.79 -0.10
C LEU A 407 1.42 -9.83 -0.71
N ARG A 408 1.59 -9.78 -2.03
CA ARG A 408 2.46 -10.71 -2.74
C ARG A 408 3.77 -10.03 -3.09
N GLY A 409 4.88 -10.72 -2.76
CA GLY A 409 6.18 -10.12 -3.05
C GLY A 409 7.27 -11.11 -2.63
N PRO A 410 8.43 -10.97 -3.27
CA PRO A 410 9.60 -11.85 -2.93
C PRO A 410 10.09 -11.55 -1.50
N LEU A 411 10.43 -12.61 -0.75
CA LEU A 411 11.03 -12.46 0.58
C LEU A 411 12.44 -11.94 0.46
N GLU A 412 13.17 -12.39 -0.58
CA GLU A 412 14.59 -11.94 -0.84
C GLU A 412 14.68 -11.77 -2.34
N LEU A 413 15.47 -10.79 -2.78
CA LEU A 413 15.79 -10.61 -4.21
C LEU A 413 17.30 -10.47 -4.38
N PRO A 414 18.03 -11.61 -4.51
CA PRO A 414 19.48 -11.56 -4.73
C PRO A 414 19.71 -10.98 -6.09
N VAL A 415 20.48 -9.93 -6.16
CA VAL A 415 20.70 -9.23 -7.39
C VAL A 415 22.18 -9.10 -7.68
N VAL A 416 22.50 -9.05 -8.97
CA VAL A 416 23.86 -8.79 -9.42
C VAL A 416 23.71 -7.64 -10.41
N TRP A 417 24.82 -7.04 -10.80
CA TRP A 417 24.89 -5.89 -11.69
C TRP A 417 26.31 -5.74 -12.27
CHA HEM B . -5.49 3.63 1.64
CHB HEM B . -2.68 1.55 -1.78
CHC HEM B . 1.26 3.85 0.05
CHD HEM B . -1.47 5.87 3.44
C1A HEM B . -5.02 2.90 0.58
C2A HEM B . -5.83 2.13 -0.35
C3A HEM B . -5.09 1.55 -1.27
C4A HEM B . -3.67 1.93 -0.99
CMA HEM B . -5.44 0.57 -2.47
CAA HEM B . -7.40 1.96 -0.18
CBA HEM B . -7.69 0.68 0.59
CGA HEM B . -9.23 0.41 0.61
O1A HEM B . -10.00 1.36 0.37
O2A HEM B . -9.59 -0.72 0.96
C1B HEM B . -1.31 1.93 -1.60
C2B HEM B . -0.18 1.46 -2.35
C3B HEM B . 0.90 2.10 -1.79
C4B HEM B . 0.45 2.96 -0.75
CMB HEM B . -0.15 0.49 -3.54
CAB HEM B . 2.37 1.99 -2.23
CBB HEM B . 2.89 1.54 -3.36
C1C HEM B . 0.83 4.66 1.00
C2C HEM B . 1.66 5.62 1.73
C3C HEM B . 0.91 6.13 2.71
C4C HEM B . -0.45 5.58 2.60
CMC HEM B . 3.15 5.90 1.32
CAC HEM B . 1.31 7.19 3.80
CBC HEM B . 2.35 8.02 3.61
C1D HEM B . -2.78 5.42 3.32
C2D HEM B . -3.83 5.72 4.26
C3D HEM B . -5.03 5.00 3.70
C4D HEM B . -4.60 4.38 2.49
CMD HEM B . -3.83 6.48 5.61
CAD HEM B . -6.42 4.98 4.35
CBD HEM B . -7.17 6.15 3.70
CGD HEM B . -8.62 6.26 4.24
O1D HEM B . -9.16 5.26 4.80
O2D HEM B . -9.19 7.40 4.22
NA HEM B . -3.78 2.82 0.07
NB HEM B . -0.96 2.87 -0.58
NC HEM B . -0.33 4.69 1.62
ND HEM B . -3.22 4.62 2.24
FE HEM B . -2.09 3.81 0.79
O5 MIV C . -2.03 -5.89 8.43
C24 MIV C . -0.77 -5.77 8.45
C23 MIV C . 0.17 -6.53 9.34
C22 MIV C . -0.31 -7.47 10.15
C20 MIV C . 0.64 -8.25 10.99
C21 MIV C . 0.79 -9.63 10.33
C11 MIV C . 0.09 -8.41 12.41
O2 MIV C . 1.19 -9.04 13.13
C12 MIV C . 1.03 -10.40 13.49
O4 MIV C . 0.07 -10.44 14.55
C18 MIV C . -0.18 -11.75 15.09
C19 MIV C . -1.22 -11.68 16.21
C17 MIV C . 1.14 -12.39 15.57
C14 MIV C . 2.33 -12.26 14.58
N MIV C . 3.60 -12.55 15.30
C16 MIV C . 3.92 -11.58 16.37
C15 MIV C . 3.59 -13.93 15.81
C13 MIV C . 2.43 -10.86 13.96
O3 MIV C . 3.44 -10.75 12.91
C9 MIV C . -0.37 -7.08 13.10
C10 MIV C . -1.40 -7.35 14.21
C8 MIV C . 0.85 -6.22 13.63
C6 MIV C . 0.58 -4.85 14.30
C7 MIV C . 1.88 -4.13 14.77
C5 MIV C . -0.25 -3.93 13.40
O1 MIV C . -1.35 -3.52 13.80
C4 MIV C . 0.24 -3.63 12.03
C3 MIV C . -0.63 -3.20 11.10
C2 MIV C . -0.24 -3.00 9.70
C1 MIV C . -1.17 -2.62 8.75
O6 MIV C . -0.10 -4.85 7.51
C25 MIV C . -0.89 -3.93 6.69
C26 MIV C . -0.35 -3.98 5.25
C27 MIV C . -0.11 -5.39 4.72
C28 MIV C . -0.75 -2.50 7.30
C29 MIV C . -1.49 -1.47 6.46
O7 MIV C . -2.91 -1.59 6.50
C30 MIV C . -3.45 -0.55 7.21
O11 MIV C . -4.21 -1.16 8.26
C36 MIV C . -4.95 -0.23 9.08
C37 MIV C . -5.54 -1.10 10.22
C35 MIV C . -5.94 0.60 8.19
O10 MIV C . -6.67 1.63 8.93
C33 MIV C . -5.19 1.29 7.03
O9 MIV C . -4.29 2.32 7.51
C34 MIV C . -4.70 3.67 7.27
C31 MIV C . -4.34 0.28 6.26
O8 MIV C . -3.51 0.98 5.29
C32 MIV C . -4.28 1.34 4.17
CL CL D . 17.75 7.62 6.64
S SO4 E . -23.92 -7.38 -18.70
O1 SO4 E . -22.52 -7.59 -19.05
O2 SO4 E . -24.39 -6.17 -19.44
O3 SO4 E . -24.69 -8.47 -19.33
O4 SO4 E . -24.13 -7.34 -17.22
S SO4 F . -13.65 8.37 -12.41
O1 SO4 F . -12.40 7.58 -12.75
O2 SO4 F . -13.39 9.80 -12.15
O3 SO4 F . -14.45 7.78 -11.31
O4 SO4 F . -14.56 8.36 -13.60
C1 GOL G . -17.86 6.17 -0.84
O1 GOL G . -16.42 5.97 -1.00
C2 GOL G . -18.32 6.67 0.55
O2 GOL G . -19.61 7.30 0.44
C3 GOL G . -18.49 5.45 1.47
O3 GOL G . -18.63 5.79 2.87
C1 GOL H . 8.52 -7.19 1.05
O1 GOL H . 8.98 -6.97 2.39
C2 GOL H . 8.08 -8.63 0.98
O2 GOL H . 9.11 -9.55 1.38
C3 GOL H . 7.71 -8.89 -0.50
O3 GOL H . 8.42 -8.15 -1.49
#